data_2YZI
#
_entry.id   2YZI
#
_cell.length_a   48.495
_cell.length_b   55.499
_cell.length_c   97.533
_cell.angle_alpha   90.00
_cell.angle_beta   90.00
_cell.angle_gamma   90.00
#
_symmetry.space_group_name_H-M   'P 21 21 21'
#
loop_
_entity.id
_entity.type
_entity.pdbx_description
1 polymer 'Hypothetical protein PH0107'
2 water water
#
_entity_poly.entity_id   1
_entity_poly.type   'polypeptide(L)'
_entity_poly.pdbx_seq_one_letter_code
;RV(MSE)D(MSE)KAPIKVY(MSE)TKKLLGVKPSTSVQEASRL(MSE)(MSE)EFDVGSLVVINDDGNVVGFFTKSDII
RRVIVPGLPYDIPVERI(MSE)TRNLITANVNTPLGEVLRK(MSE)AEHRIKHILIEEEGKIVGIFTLSDLLEASRRRLE
TAISAE
;
_entity_poly.pdbx_strand_id   A,B
#
# COMPACT_ATOMS: atom_id res chain seq x y z
N ASP A 4 10.61 -9.10 -17.15
CA ASP A 4 10.24 -10.41 -17.64
C ASP A 4 9.32 -11.23 -16.74
N LYS A 6 8.61 -14.20 -16.84
CA LYS A 6 9.16 -15.53 -16.55
C LYS A 6 10.41 -15.47 -15.65
N ALA A 7 10.91 -14.27 -15.35
CA ALA A 7 12.09 -14.16 -14.51
C ALA A 7 11.75 -14.51 -13.05
N PRO A 8 12.63 -15.28 -12.38
CA PRO A 8 12.42 -15.69 -10.98
C PRO A 8 12.24 -14.46 -10.11
N ILE A 9 11.21 -14.48 -9.27
CA ILE A 9 10.91 -13.35 -8.38
C ILE A 9 12.10 -12.87 -7.55
N LYS A 10 13.07 -13.74 -7.28
CA LYS A 10 14.25 -13.33 -6.49
C LYS A 10 14.96 -12.17 -7.18
N VAL A 11 14.88 -12.13 -8.50
CA VAL A 11 15.50 -11.09 -9.30
C VAL A 11 14.97 -9.69 -8.98
N TYR A 12 13.72 -9.62 -8.54
CA TYR A 12 13.06 -8.34 -8.26
C TYR A 12 12.69 -8.06 -6.81
N THR A 14 13.01 -7.82 -2.47
CA THR A 14 13.87 -7.07 -1.57
C THR A 14 14.12 -7.91 -0.33
N LYS A 15 15.38 -7.92 0.12
CA LYS A 15 15.78 -8.68 1.30
C LYS A 15 15.68 -7.79 2.54
N LYS A 16 15.29 -6.54 2.31
CA LYS A 16 15.15 -5.57 3.38
C LYS A 16 13.82 -5.85 4.08
N LEU A 17 13.74 -7.02 4.69
CA LEU A 17 12.57 -7.47 5.40
C LEU A 17 12.98 -7.64 6.85
N LEU A 18 12.25 -6.97 7.74
CA LEU A 18 12.55 -7.02 9.16
C LEU A 18 11.48 -7.72 9.99
N GLY A 19 11.93 -8.32 11.08
CA GLY A 19 11.02 -9.00 11.97
C GLY A 19 11.06 -8.42 13.37
N VAL A 20 10.01 -8.67 14.13
CA VAL A 20 9.90 -8.22 15.52
C VAL A 20 9.47 -9.44 16.33
N LYS A 21 9.46 -9.32 17.64
CA LYS A 21 9.05 -10.43 18.48
C LYS A 21 7.56 -10.30 18.81
N PRO A 22 6.89 -11.43 19.08
CA PRO A 22 5.46 -11.47 19.39
C PRO A 22 5.01 -10.44 20.42
N SER A 23 5.83 -10.21 21.43
CA SER A 23 5.49 -9.27 22.50
C SER A 23 5.59 -7.80 22.14
N THR A 24 6.28 -7.49 21.05
CA THR A 24 6.41 -6.11 20.61
C THR A 24 5.02 -5.48 20.53
N SER A 25 4.89 -4.24 20.96
CA SER A 25 3.60 -3.55 20.95
C SER A 25 3.25 -3.00 19.58
N VAL A 26 1.96 -3.00 19.28
CA VAL A 26 1.47 -2.47 18.01
C VAL A 26 2.07 -1.08 17.80
N GLN A 27 2.13 -0.30 18.88
CA GLN A 27 2.69 1.05 18.79
C GLN A 27 4.19 1.02 18.47
N GLU A 28 4.93 0.18 19.18
CA GLU A 28 6.37 0.09 18.92
C GLU A 28 6.61 -0.36 17.48
N ALA A 29 5.94 -1.44 17.08
CA ALA A 29 6.08 -1.96 15.72
C ALA A 29 5.89 -0.84 14.72
N SER A 30 4.85 -0.04 14.94
CA SER A 30 4.54 1.08 14.07
C SER A 30 5.67 2.09 14.04
N ARG A 31 6.26 2.35 15.20
CA ARG A 31 7.36 3.31 15.29
C ARG A 31 8.55 2.70 14.58
N LEU A 32 8.70 1.39 14.70
CA LEU A 32 9.81 0.70 14.04
C LEU A 32 9.65 0.79 12.53
N GLU A 35 10.56 4.31 11.31
CA GLU A 35 12.00 4.51 11.40
C GLU A 35 12.79 3.75 10.34
N PHE A 36 12.39 2.51 10.06
CA PHE A 36 13.11 1.71 9.08
C PHE A 36 12.58 1.87 7.66
N ASP A 37 11.50 2.63 7.52
CA ASP A 37 10.92 2.90 6.21
C ASP A 37 10.43 1.65 5.51
N VAL A 38 9.69 0.81 6.23
CA VAL A 38 9.14 -0.42 5.67
C VAL A 38 7.62 -0.41 5.87
N GLY A 39 6.89 -1.04 4.95
CA GLY A 39 5.44 -1.08 5.02
C GLY A 39 4.86 -2.21 5.85
N SER A 40 5.64 -3.24 6.09
CA SER A 40 5.17 -4.37 6.89
C SER A 40 6.32 -4.97 7.69
N LEU A 41 5.99 -5.92 8.54
CA LEU A 41 6.96 -6.61 9.37
C LEU A 41 6.55 -8.07 9.52
N VAL A 42 7.49 -8.91 9.94
CA VAL A 42 7.19 -10.31 10.18
C VAL A 42 7.47 -10.58 11.65
N VAL A 43 6.72 -11.50 12.26
CA VAL A 43 6.95 -11.82 13.65
C VAL A 43 7.88 -13.03 13.70
N ILE A 44 8.91 -12.97 14.52
CA ILE A 44 9.87 -14.05 14.61
C ILE A 44 9.93 -14.62 16.02
N ASN A 45 9.88 -15.95 16.14
CA ASN A 45 9.95 -16.59 17.44
C ASN A 45 11.41 -16.70 17.88
N ASP A 46 11.64 -17.25 19.08
CA ASP A 46 13.00 -17.40 19.61
C ASP A 46 13.89 -18.21 18.67
N ASP A 47 13.33 -19.21 18.01
CA ASP A 47 14.12 -20.04 17.10
C ASP A 47 14.57 -19.26 15.89
N GLY A 48 14.02 -18.06 15.71
CA GLY A 48 14.38 -17.24 14.58
C GLY A 48 13.55 -17.52 13.34
N ASN A 49 12.46 -18.26 13.52
CA ASN A 49 11.58 -18.60 12.41
C ASN A 49 10.36 -17.70 12.39
N VAL A 50 9.85 -17.41 11.20
CA VAL A 50 8.67 -16.57 11.06
C VAL A 50 7.42 -17.31 11.51
N VAL A 51 6.59 -16.63 12.29
CA VAL A 51 5.35 -17.19 12.78
C VAL A 51 4.18 -16.27 12.45
N GLY A 52 4.48 -15.09 11.90
CA GLY A 52 3.42 -14.15 11.57
C GLY A 52 3.83 -13.01 10.66
N PHE A 53 2.85 -12.25 10.19
CA PHE A 53 3.08 -11.12 9.29
C PHE A 53 1.94 -10.11 9.35
N PHE A 54 2.29 -8.82 9.38
CA PHE A 54 1.27 -7.78 9.39
C PHE A 54 1.79 -6.53 8.71
N THR A 55 0.89 -5.85 8.01
CA THR A 55 1.22 -4.63 7.31
C THR A 55 0.59 -3.43 8.00
N LYS A 56 0.96 -2.24 7.57
CA LYS A 56 0.41 -1.02 8.13
C LYS A 56 -1.10 -1.12 7.97
N SER A 57 -1.51 -1.61 6.81
CA SER A 57 -2.92 -1.77 6.50
C SER A 57 -3.60 -2.65 7.55
N ASP A 58 -2.97 -3.78 7.90
CA ASP A 58 -3.55 -4.67 8.90
C ASP A 58 -3.71 -4.01 10.27
N ILE A 59 -2.77 -3.16 10.65
CA ILE A 59 -2.84 -2.47 11.93
C ILE A 59 -4.11 -1.66 11.99
N ILE A 60 -4.40 -0.97 10.91
CA ILE A 60 -5.59 -0.14 10.81
C ILE A 60 -6.86 -0.97 10.91
N ARG A 61 -6.90 -2.04 10.13
CA ARG A 61 -8.03 -2.95 10.07
C ARG A 61 -8.34 -3.72 11.37
N ARG A 62 -7.32 -3.98 12.19
CA ARG A 62 -7.51 -4.73 13.42
C ARG A 62 -7.28 -3.97 14.73
N VAL A 63 -6.89 -2.71 14.62
CA VAL A 63 -6.65 -1.91 15.82
C VAL A 63 -7.45 -0.60 15.77
N ILE A 64 -7.26 0.16 14.72
CA ILE A 64 -7.95 1.44 14.55
C ILE A 64 -9.48 1.32 14.53
N VAL A 65 -10.01 0.54 13.60
CA VAL A 65 -11.46 0.39 13.47
C VAL A 65 -12.19 -0.31 14.61
N PRO A 66 -11.53 -1.26 15.30
CA PRO A 66 -12.20 -1.94 16.40
C PRO A 66 -12.08 -1.19 17.73
N GLY A 67 -11.11 -0.30 17.81
CA GLY A 67 -10.93 0.47 19.03
C GLY A 67 -9.84 0.00 19.97
N LEU A 68 -9.36 -1.23 19.77
CA LEU A 68 -8.31 -1.79 20.61
C LEU A 68 -7.21 -0.79 20.90
N PRO A 69 -6.57 -0.91 22.08
CA PRO A 69 -5.49 0.02 22.43
C PRO A 69 -4.26 -0.25 21.59
N TYR A 70 -3.61 0.82 21.16
CA TYR A 70 -2.42 0.75 20.31
C TYR A 70 -1.20 0.12 20.98
N ASP A 71 -1.34 -0.35 22.21
CA ASP A 71 -0.22 -0.95 22.93
C ASP A 71 -0.29 -2.47 23.12
N ILE A 72 -1.21 -3.14 22.43
CA ILE A 72 -1.32 -4.58 22.57
C ILE A 72 -0.18 -5.28 21.80
N PRO A 73 -0.04 -6.60 22.01
CA PRO A 73 1.01 -7.37 21.33
C PRO A 73 0.69 -7.63 19.86
N VAL A 74 1.63 -7.31 18.97
CA VAL A 74 1.42 -7.52 17.54
C VAL A 74 0.99 -8.96 17.29
N GLU A 75 1.26 -9.84 18.24
CA GLU A 75 0.91 -11.25 18.14
C GLU A 75 -0.60 -11.43 18.03
N ARG A 76 -1.35 -10.46 18.53
CA ARG A 76 -2.80 -10.54 18.51
C ARG A 76 -3.41 -10.05 17.20
N ILE A 77 -2.63 -9.29 16.43
CA ILE A 77 -3.12 -8.76 15.16
C ILE A 77 -2.40 -9.31 13.94
N THR A 79 -0.99 -12.02 11.00
CA THR A 79 -1.51 -13.05 10.12
C THR A 79 -0.63 -14.27 10.32
N ARG A 80 -1.26 -15.43 10.49
CA ARG A 80 -0.51 -16.66 10.67
C ARG A 80 -0.64 -17.53 9.41
N ASN A 81 -1.59 -17.19 8.55
CA ASN A 81 -1.78 -17.90 7.30
C ASN A 81 -0.98 -17.23 6.21
N LEU A 82 0.30 -17.56 6.18
CA LEU A 82 1.23 -16.99 5.21
C LEU A 82 1.05 -17.45 3.78
N ILE A 83 0.69 -16.51 2.89
CA ILE A 83 0.58 -16.86 1.48
C ILE A 83 1.97 -16.51 0.99
N THR A 84 2.67 -17.48 0.41
CA THR A 84 4.01 -17.20 -0.06
C THR A 84 4.27 -17.69 -1.47
N ALA A 85 5.42 -17.26 -2.00
CA ALA A 85 5.89 -17.66 -3.31
C ALA A 85 7.36 -18.07 -3.11
N ASN A 86 7.88 -18.87 -4.03
CA ASN A 86 9.24 -19.34 -3.94
C ASN A 86 10.20 -18.39 -4.64
N VAL A 87 11.46 -18.36 -4.20
CA VAL A 87 12.46 -17.49 -4.81
C VAL A 87 12.55 -17.68 -6.32
N ASN A 88 12.29 -18.91 -6.78
CA ASN A 88 12.35 -19.17 -8.22
C ASN A 88 10.98 -19.08 -8.87
N THR A 89 9.98 -18.65 -8.11
CA THR A 89 8.65 -18.51 -8.70
C THR A 89 8.74 -17.33 -9.65
N PRO A 90 8.35 -17.53 -10.93
CA PRO A 90 8.40 -16.45 -11.92
C PRO A 90 7.43 -15.31 -11.56
N LEU A 91 7.84 -14.08 -11.87
CA LEU A 91 7.06 -12.87 -11.60
C LEU A 91 5.60 -13.00 -12.01
N GLY A 92 5.37 -13.58 -13.19
CA GLY A 92 4.02 -13.78 -13.69
C GLY A 92 3.17 -14.54 -12.69
N GLU A 93 3.71 -15.64 -12.18
CA GLU A 93 2.98 -16.45 -11.20
C GLU A 93 2.74 -15.68 -9.89
N VAL A 94 3.73 -14.92 -9.45
CA VAL A 94 3.56 -14.16 -8.21
C VAL A 94 2.41 -13.17 -8.36
N LEU A 95 2.44 -12.38 -9.43
CA LEU A 95 1.40 -11.40 -9.68
C LEU A 95 0.02 -12.06 -9.72
N ARG A 96 -0.06 -13.27 -10.27
CA ARG A 96 -1.32 -14.00 -10.32
C ARG A 96 -1.75 -14.30 -8.89
N LYS A 97 -0.88 -14.94 -8.14
CA LYS A 97 -1.14 -15.29 -6.75
C LYS A 97 -1.57 -14.06 -5.96
N ALA A 99 -2.89 -11.27 -7.10
CA ALA A 99 -4.20 -10.84 -7.56
C ALA A 99 -5.27 -11.77 -6.96
N GLU A 100 -5.00 -13.06 -6.99
CA GLU A 100 -5.93 -14.04 -6.46
C GLU A 100 -6.24 -13.84 -4.97
N HIS A 101 -5.21 -13.62 -4.17
CA HIS A 101 -5.43 -13.43 -2.74
C HIS A 101 -5.68 -11.99 -2.35
N ARG A 102 -5.66 -11.11 -3.33
CA ARG A 102 -5.91 -9.70 -3.07
C ARG A 102 -5.00 -9.16 -1.96
N ILE A 103 -3.70 -9.28 -2.15
CA ILE A 103 -2.71 -8.79 -1.20
C ILE A 103 -1.71 -7.91 -1.96
N LYS A 104 -1.11 -6.96 -1.24
CA LYS A 104 -0.14 -6.05 -1.84
C LYS A 104 1.27 -6.33 -1.33
N HIS A 105 1.40 -7.47 -0.67
CA HIS A 105 2.67 -7.93 -0.10
C HIS A 105 2.62 -9.45 -0.10
N ILE A 106 3.68 -10.08 -0.60
CA ILE A 106 3.75 -11.54 -0.62
C ILE A 106 5.13 -11.98 -0.15
N LEU A 107 5.16 -12.75 0.93
CA LEU A 107 6.42 -13.23 1.47
C LEU A 107 7.08 -14.21 0.50
N ILE A 108 8.40 -14.20 0.49
CA ILE A 108 9.17 -15.07 -0.39
C ILE A 108 9.89 -16.09 0.46
N GLU A 109 9.89 -17.33 0.01
CA GLU A 109 10.50 -18.40 0.78
C GLU A 109 11.52 -19.20 0.00
N GLU A 110 12.44 -19.82 0.72
CA GLU A 110 13.47 -20.68 0.15
C GLU A 110 13.50 -21.90 1.05
N GLU A 111 13.12 -23.04 0.49
CA GLU A 111 13.08 -24.31 1.22
C GLU A 111 12.19 -24.20 2.45
N GLY A 112 11.14 -23.38 2.34
CA GLY A 112 10.25 -23.21 3.47
C GLY A 112 10.63 -22.13 4.46
N LYS A 113 11.76 -21.46 4.24
CA LYS A 113 12.18 -20.41 5.16
C LYS A 113 12.06 -19.02 4.52
N ILE A 114 11.41 -18.10 5.23
CA ILE A 114 11.20 -16.74 4.72
C ILE A 114 12.55 -16.05 4.54
N VAL A 115 12.83 -15.60 3.31
CA VAL A 115 14.10 -14.95 2.99
C VAL A 115 13.94 -13.56 2.37
N GLY A 116 12.70 -13.08 2.29
CA GLY A 116 12.47 -11.78 1.70
C GLY A 116 10.99 -11.58 1.43
N ILE A 117 10.69 -10.50 0.71
CA ILE A 117 9.30 -10.17 0.41
C ILE A 117 9.22 -9.44 -0.92
N PHE A 118 8.05 -9.50 -1.55
CA PHE A 118 7.81 -8.83 -2.82
C PHE A 118 6.54 -8.03 -2.64
N THR A 119 6.63 -6.71 -2.84
CA THR A 119 5.48 -5.85 -2.68
C THR A 119 5.22 -5.17 -4.00
N LEU A 120 4.14 -4.40 -4.07
CA LEU A 120 3.82 -3.67 -5.28
C LEU A 120 4.82 -2.54 -5.47
N SER A 121 5.48 -2.15 -4.38
CA SER A 121 6.49 -1.09 -4.48
C SER A 121 7.68 -1.69 -5.23
N ASP A 122 7.96 -2.96 -4.99
CA ASP A 122 9.04 -3.64 -5.68
C ASP A 122 8.63 -3.81 -7.13
N LEU A 123 7.32 -3.94 -7.33
CA LEU A 123 6.78 -4.08 -8.69
C LEU A 123 7.07 -2.80 -9.48
N LEU A 124 6.86 -1.66 -8.82
CA LEU A 124 7.10 -0.36 -9.46
C LEU A 124 8.56 -0.24 -9.89
N GLU A 125 9.48 -0.59 -8.98
CA GLU A 125 10.90 -0.53 -9.31
C GLU A 125 11.26 -1.47 -10.47
N ALA A 126 10.71 -2.69 -10.44
CA ALA A 126 10.98 -3.66 -11.51
C ALA A 126 10.45 -3.09 -12.82
N SER A 127 9.32 -2.40 -12.75
CA SER A 127 8.71 -1.80 -13.92
C SER A 127 9.65 -0.80 -14.58
N ARG A 128 10.44 -0.11 -13.77
CA ARG A 128 11.35 0.90 -14.28
C ARG A 128 12.72 0.37 -14.69
N ARG A 129 13.05 -0.86 -14.32
CA ARG A 129 14.37 -1.35 -14.69
C ARG A 129 14.53 -1.41 -16.20
N ARG A 130 15.71 -1.01 -16.68
CA ARG A 130 16.01 -0.96 -18.10
C ARG A 130 16.70 -2.19 -18.65
N LEU A 131 17.37 -2.95 -17.78
CA LEU A 131 18.06 -4.16 -18.21
C LEU A 131 17.32 -5.40 -17.72
N GLU A 132 17.45 -6.50 -18.46
CA GLU A 132 16.83 -7.77 -18.08
C GLU A 132 17.93 -8.64 -17.48
N THR A 133 17.55 -9.61 -16.66
CA THR A 133 18.52 -10.51 -16.02
C THR A 133 18.45 -11.92 -16.59
N ALA A 134 19.48 -12.33 -17.33
CA ALA A 134 19.50 -13.68 -17.90
C ALA A 134 19.10 -14.69 -16.83
N ASP B 4 2.20 0.14 -21.40
CA ASP B 4 3.17 0.85 -22.21
C ASP B 4 3.64 2.11 -21.48
N LYS B 6 5.12 4.49 -22.44
CA LYS B 6 4.99 5.67 -23.28
C LYS B 6 3.59 6.26 -23.25
N ALA B 7 2.58 5.42 -23.00
CA ALA B 7 1.19 5.84 -22.97
C ALA B 7 0.83 6.79 -21.82
N PRO B 8 -0.14 7.69 -22.05
CA PRO B 8 -0.58 8.66 -21.04
C PRO B 8 -1.17 7.97 -19.82
N ILE B 9 -0.89 8.51 -18.64
CA ILE B 9 -1.37 7.92 -17.40
C ILE B 9 -2.89 7.80 -17.37
N LYS B 10 -3.57 8.61 -18.17
CA LYS B 10 -5.02 8.56 -18.17
C LYS B 10 -5.61 7.21 -18.53
N VAL B 11 -4.81 6.32 -19.12
CA VAL B 11 -5.35 5.02 -19.50
C VAL B 11 -5.25 3.99 -18.37
N TYR B 12 -4.38 4.25 -17.40
CA TYR B 12 -4.20 3.33 -16.29
C TYR B 12 -4.81 3.84 -14.99
N THR B 14 -7.72 5.49 -12.35
CA THR B 14 -9.07 5.09 -11.98
C THR B 14 -9.87 6.30 -11.48
N LYS B 15 -11.19 6.15 -11.42
CA LYS B 15 -12.09 7.21 -10.94
C LYS B 15 -12.41 6.96 -9.48
N LYS B 16 -12.11 5.75 -9.02
CA LYS B 16 -12.36 5.35 -7.65
C LYS B 16 -11.58 6.20 -6.65
N LEU B 17 -12.02 7.44 -6.45
CA LEU B 17 -11.37 8.36 -5.53
C LEU B 17 -12.38 8.81 -4.48
N LEU B 18 -12.22 8.32 -3.25
CA LEU B 18 -13.15 8.67 -2.19
C LEU B 18 -12.73 9.84 -1.32
N GLY B 19 -13.72 10.61 -0.90
CA GLY B 19 -13.45 11.75 -0.06
C GLY B 19 -14.24 11.71 1.24
N VAL B 20 -13.73 12.41 2.24
CA VAL B 20 -14.39 12.51 3.53
C VAL B 20 -14.34 13.97 3.91
N LYS B 21 -15.20 14.39 4.83
CA LYS B 21 -15.19 15.78 5.26
C LYS B 21 -14.08 15.94 6.29
N PRO B 22 -13.67 17.18 6.57
CA PRO B 22 -12.60 17.46 7.54
C PRO B 22 -12.91 16.97 8.95
N SER B 23 -14.20 16.97 9.29
CA SER B 23 -14.63 16.55 10.63
C SER B 23 -14.70 15.02 10.78
N THR B 24 -14.54 14.29 9.68
CA THR B 24 -14.58 12.84 9.71
C THR B 24 -13.48 12.32 10.64
N SER B 25 -13.82 11.38 11.52
CA SER B 25 -12.80 10.85 12.44
C SER B 25 -11.91 9.82 11.76
N VAL B 26 -10.69 9.71 12.27
CA VAL B 26 -9.72 8.77 11.74
C VAL B 26 -10.27 7.36 11.75
N GLN B 27 -11.02 7.02 12.80
CA GLN B 27 -11.60 5.69 12.91
C GLN B 27 -12.60 5.42 11.79
N GLU B 28 -13.45 6.40 11.50
CA GLU B 28 -14.45 6.25 10.43
C GLU B 28 -13.77 6.20 9.07
N ALA B 29 -12.82 7.11 8.84
CA ALA B 29 -12.09 7.14 7.58
C ALA B 29 -11.41 5.77 7.37
N SER B 30 -10.88 5.20 8.45
CA SER B 30 -10.22 3.89 8.37
C SER B 30 -11.20 2.81 7.90
N ARG B 31 -12.41 2.82 8.44
CA ARG B 31 -13.40 1.83 8.06
C ARG B 31 -13.81 1.99 6.61
N LEU B 32 -14.02 3.23 6.20
CA LEU B 32 -14.39 3.53 4.83
C LEU B 32 -13.31 3.02 3.87
N GLU B 35 -13.49 -0.71 3.62
CA GLU B 35 -14.70 -1.09 2.91
C GLU B 35 -14.52 -1.01 1.41
N PHE B 36 -14.01 0.13 0.94
CA PHE B 36 -13.80 0.35 -0.48
C PHE B 36 -12.42 0.02 -1.04
N ASP B 37 -11.60 -0.63 -0.22
CA ASP B 37 -10.29 -1.08 -0.64
C ASP B 37 -9.34 -0.01 -1.22
N VAL B 38 -9.25 1.14 -0.56
CA VAL B 38 -8.36 2.20 -1.02
C VAL B 38 -7.34 2.56 0.05
N GLY B 39 -6.13 2.92 -0.37
CA GLY B 39 -5.09 3.27 0.57
C GLY B 39 -5.02 4.72 0.95
N SER B 40 -5.87 5.54 0.33
CA SER B 40 -5.86 6.97 0.60
C SER B 40 -7.23 7.59 0.47
N LEU B 41 -7.32 8.85 0.90
CA LEU B 41 -8.54 9.61 0.85
C LEU B 41 -8.21 11.09 0.70
N VAL B 42 -9.04 11.81 -0.04
CA VAL B 42 -8.89 13.25 -0.18
C VAL B 42 -9.92 13.78 0.80
N VAL B 43 -9.72 15.02 1.26
CA VAL B 43 -10.66 15.64 2.18
C VAL B 43 -11.28 16.84 1.48
N ILE B 44 -12.61 16.92 1.51
CA ILE B 44 -13.33 17.99 0.82
C ILE B 44 -14.08 18.91 1.78
N ASN B 45 -13.98 20.21 1.56
CA ASN B 45 -14.68 21.17 2.42
C ASN B 45 -16.15 21.28 1.97
N ASP B 46 -16.95 22.09 2.68
CA ASP B 46 -18.37 22.24 2.37
C ASP B 46 -18.69 22.82 1.01
N ASP B 47 -17.70 23.39 0.32
CA ASP B 47 -17.94 23.95 -0.99
C ASP B 47 -17.58 22.94 -2.09
N GLY B 48 -17.18 21.74 -1.68
CA GLY B 48 -16.85 20.69 -2.61
C GLY B 48 -15.42 20.68 -3.12
N ASN B 49 -14.53 21.39 -2.45
CA ASN B 49 -13.15 21.45 -2.92
C ASN B 49 -12.19 20.67 -2.05
N VAL B 50 -11.12 20.18 -2.67
CA VAL B 50 -10.13 19.41 -1.93
C VAL B 50 -9.33 20.33 -1.02
N VAL B 51 -9.34 20.00 0.26
CA VAL B 51 -8.62 20.76 1.26
C VAL B 51 -7.51 19.93 1.86
N GLY B 52 -7.52 18.63 1.57
CA GLY B 52 -6.49 17.77 2.11
C GLY B 52 -6.37 16.41 1.46
N PHE B 53 -5.44 15.61 1.98
CA PHE B 53 -5.17 14.28 1.45
C PHE B 53 -4.39 13.51 2.51
N PHE B 54 -4.62 12.20 2.58
CA PHE B 54 -3.90 11.37 3.54
C PHE B 54 -3.99 9.88 3.22
N THR B 55 -2.96 9.15 3.64
CA THR B 55 -2.88 7.71 3.40
C THR B 55 -3.01 6.91 4.68
N LYS B 56 -2.95 5.59 4.54
CA LYS B 56 -3.02 4.69 5.67
C LYS B 56 -1.72 4.88 6.45
N SER B 57 -0.65 5.12 5.72
CA SER B 57 0.65 5.31 6.32
C SER B 57 0.62 6.54 7.22
N ASP B 58 -0.04 7.61 6.78
CA ASP B 58 -0.12 8.83 7.58
C ASP B 58 -0.81 8.50 8.90
N ILE B 59 -1.83 7.65 8.81
CA ILE B 59 -2.59 7.23 9.98
C ILE B 59 -1.69 6.48 10.97
N ILE B 60 -0.78 5.67 10.47
CA ILE B 60 0.12 4.92 11.36
C ILE B 60 1.13 5.86 12.02
N ARG B 61 1.77 6.71 11.21
CA ARG B 61 2.76 7.65 11.71
C ARG B 61 2.24 8.83 12.54
N ARG B 62 1.08 9.36 12.18
CA ARG B 62 0.55 10.51 12.88
C ARG B 62 -0.51 10.21 13.94
N VAL B 63 -0.87 8.95 14.09
CA VAL B 63 -1.85 8.56 15.08
C VAL B 63 -1.33 7.44 15.99
N ILE B 64 -1.12 6.24 15.43
CA ILE B 64 -0.64 5.10 16.20
C ILE B 64 0.63 5.34 16.99
N VAL B 65 1.67 5.89 16.34
CA VAL B 65 2.92 6.12 17.05
C VAL B 65 2.79 7.13 18.19
N PRO B 66 2.22 8.32 17.91
CA PRO B 66 2.07 9.32 18.99
C PRO B 66 1.06 8.92 20.06
N GLY B 67 0.26 7.88 19.77
CA GLY B 67 -0.73 7.43 20.73
C GLY B 67 -1.88 8.41 20.87
N LEU B 68 -2.38 8.90 19.74
CA LEU B 68 -3.48 9.84 19.72
C LEU B 68 -4.80 9.09 19.63
N PRO B 69 -5.88 9.72 20.11
CA PRO B 69 -7.21 9.11 20.07
C PRO B 69 -7.61 8.73 18.64
N TYR B 70 -8.39 7.66 18.52
CA TYR B 70 -8.84 7.18 17.22
C TYR B 70 -10.04 8.00 16.77
N ASP B 71 -10.53 8.86 17.64
CA ASP B 71 -11.68 9.70 17.33
C ASP B 71 -11.30 11.09 16.82
N ILE B 72 -10.01 11.39 16.71
CA ILE B 72 -9.62 12.72 16.23
C ILE B 72 -9.99 12.91 14.76
N PRO B 73 -10.37 14.13 14.38
CA PRO B 73 -10.74 14.40 12.99
C PRO B 73 -9.50 14.33 12.09
N VAL B 74 -9.65 13.68 10.93
CA VAL B 74 -8.56 13.53 9.97
C VAL B 74 -7.90 14.86 9.61
N GLU B 75 -8.60 15.94 9.88
CA GLU B 75 -8.08 17.27 9.58
C GLU B 75 -6.75 17.47 10.32
N ARG B 76 -6.62 16.80 11.46
CA ARG B 76 -5.43 16.90 12.29
C ARG B 76 -4.22 16.11 11.80
N ILE B 77 -4.41 15.23 10.82
CA ILE B 77 -3.32 14.43 10.30
C ILE B 77 -3.15 14.45 8.80
N THR B 79 -2.39 15.98 4.93
CA THR B 79 -1.37 16.82 4.32
C THR B 79 -2.15 17.84 3.50
N ARG B 80 -1.74 19.10 3.53
CA ARG B 80 -2.46 20.12 2.82
C ARG B 80 -1.92 20.63 1.48
N ASN B 81 -1.28 19.75 0.73
CA ASN B 81 -0.80 20.07 -0.62
C ASN B 81 -0.79 18.73 -1.31
N LEU B 82 -1.06 18.71 -2.61
CA LEU B 82 -1.11 17.46 -3.34
C LEU B 82 0.02 17.24 -4.32
N ILE B 83 0.38 15.98 -4.51
CA ILE B 83 1.42 15.61 -5.46
C ILE B 83 0.61 14.98 -6.58
N THR B 84 0.70 15.59 -7.76
CA THR B 84 -0.07 15.14 -8.89
C THR B 84 0.72 14.86 -10.15
N ALA B 85 -0.01 14.41 -11.15
CA ALA B 85 0.53 14.10 -12.45
C ALA B 85 -0.59 14.46 -13.40
N ASN B 86 -0.24 14.94 -14.58
CA ASN B 86 -1.24 15.31 -15.56
C ASN B 86 -1.75 14.07 -16.32
N VAL B 87 -3.01 14.13 -16.76
CA VAL B 87 -3.60 13.00 -17.50
C VAL B 87 -2.75 12.54 -18.67
N ASN B 88 -2.05 13.47 -19.30
CA ASN B 88 -1.21 13.15 -20.45
C ASN B 88 0.22 12.74 -20.15
N THR B 89 0.63 12.83 -18.89
CA THR B 89 1.96 12.42 -18.47
C THR B 89 2.07 10.92 -18.71
N PRO B 90 3.10 10.48 -19.47
CA PRO B 90 3.27 9.05 -19.74
C PRO B 90 3.58 8.22 -18.50
N LEU B 91 3.02 7.02 -18.47
CA LEU B 91 3.19 6.09 -17.35
C LEU B 91 4.59 6.10 -16.72
N GLY B 92 5.61 5.89 -17.56
CA GLY B 92 6.98 5.86 -17.07
C GLY B 92 7.37 7.03 -16.18
N GLU B 93 7.09 8.25 -16.66
CA GLU B 93 7.39 9.46 -15.91
C GLU B 93 6.59 9.54 -14.61
N VAL B 94 5.37 9.01 -14.63
CA VAL B 94 4.54 9.01 -13.44
C VAL B 94 5.16 8.08 -12.41
N LEU B 95 5.59 6.91 -12.86
CA LEU B 95 6.24 5.94 -11.99
C LEU B 95 7.49 6.53 -11.36
N ARG B 96 8.29 7.21 -12.17
CA ARG B 96 9.50 7.83 -11.68
C ARG B 96 9.17 8.88 -10.62
N LYS B 97 8.13 9.67 -10.86
CA LYS B 97 7.75 10.68 -9.91
C LYS B 97 7.29 10.06 -8.57
N ALA B 99 8.28 7.29 -7.38
CA ALA B 99 9.47 6.70 -6.75
C ALA B 99 10.27 7.78 -6.05
N GLU B 100 10.49 8.89 -6.74
CA GLU B 100 11.25 10.00 -6.18
C GLU B 100 10.56 10.57 -4.95
N HIS B 101 9.23 10.64 -4.97
CA HIS B 101 8.44 11.18 -3.85
C HIS B 101 8.09 10.11 -2.80
N ARG B 102 8.38 8.85 -3.13
CA ARG B 102 8.09 7.74 -2.22
C ARG B 102 6.60 7.61 -1.91
N ILE B 103 5.75 7.65 -2.94
CA ILE B 103 4.33 7.53 -2.70
C ILE B 103 3.71 6.31 -3.38
N LYS B 104 2.59 5.86 -2.83
CA LYS B 104 1.88 4.68 -3.36
C LYS B 104 0.62 5.11 -4.10
N HIS B 105 0.30 6.39 -4.03
CA HIS B 105 -0.89 6.93 -4.69
C HIS B 105 -0.54 8.32 -5.21
N ILE B 106 -1.00 8.64 -6.41
CA ILE B 106 -0.75 9.96 -6.98
C ILE B 106 -2.01 10.47 -7.67
N LEU B 107 -2.46 11.66 -7.26
CA LEU B 107 -3.66 12.25 -7.84
C LEU B 107 -3.43 12.68 -9.28
N ILE B 108 -4.43 12.48 -10.13
CA ILE B 108 -4.32 12.86 -11.53
C ILE B 108 -5.04 14.18 -11.77
N GLU B 109 -4.38 15.06 -12.51
CA GLU B 109 -4.91 16.37 -12.80
C GLU B 109 -5.10 16.63 -14.28
N GLU B 110 -6.10 17.43 -14.58
CA GLU B 110 -6.41 17.85 -15.94
C GLU B 110 -6.97 19.28 -15.87
N GLU B 111 -6.28 20.21 -16.51
CA GLU B 111 -6.70 21.61 -16.49
C GLU B 111 -6.95 22.16 -15.10
N GLY B 112 -6.14 21.72 -14.13
CA GLY B 112 -6.27 22.21 -12.77
C GLY B 112 -7.10 21.42 -11.79
N LYS B 113 -8.01 20.58 -12.27
CA LYS B 113 -8.84 19.80 -11.38
C LYS B 113 -8.37 18.35 -11.21
N ILE B 114 -8.70 17.75 -10.08
CA ILE B 114 -8.31 16.36 -9.83
C ILE B 114 -9.39 15.51 -10.49
N VAL B 115 -8.99 14.66 -11.43
CA VAL B 115 -9.95 13.82 -12.16
C VAL B 115 -9.86 12.34 -11.88
N GLY B 116 -8.81 11.93 -11.20
CA GLY B 116 -8.64 10.53 -10.89
C GLY B 116 -7.42 10.35 -10.00
N ILE B 117 -7.01 9.09 -9.86
CA ILE B 117 -5.86 8.76 -9.05
C ILE B 117 -5.21 7.49 -9.60
N PHE B 118 -3.89 7.40 -9.50
CA PHE B 118 -3.18 6.22 -9.94
C PHE B 118 -2.49 5.63 -8.72
N THR B 119 -2.72 4.34 -8.48
CA THR B 119 -2.15 3.67 -7.32
C THR B 119 -1.29 2.47 -7.71
N LEU B 120 -0.64 1.87 -6.73
CA LEU B 120 0.21 0.70 -7.02
C LEU B 120 -0.70 -0.45 -7.43
N SER B 121 -1.93 -0.45 -6.93
CA SER B 121 -2.88 -1.50 -7.29
C SER B 121 -3.19 -1.36 -8.78
N ASP B 122 -3.29 -0.12 -9.25
CA ASP B 122 -3.55 0.12 -10.67
C ASP B 122 -2.38 -0.44 -11.49
N LEU B 123 -1.17 -0.25 -10.99
CA LEU B 123 0.03 -0.75 -11.65
C LEU B 123 -0.08 -2.26 -11.82
N LEU B 124 -0.50 -2.92 -10.75
CA LEU B 124 -0.68 -4.36 -10.76
C LEU B 124 -1.69 -4.73 -11.84
N GLU B 125 -2.77 -3.95 -11.91
CA GLU B 125 -3.82 -4.17 -12.88
C GLU B 125 -3.26 -4.07 -14.31
N ALA B 126 -2.46 -3.04 -14.56
CA ALA B 126 -1.87 -2.83 -15.88
C ALA B 126 -0.86 -3.95 -16.20
N SER B 127 -0.09 -4.36 -15.21
CA SER B 127 0.90 -5.42 -15.41
C SER B 127 0.22 -6.74 -15.78
N ARG B 128 -1.05 -6.87 -15.42
CA ARG B 128 -1.81 -8.08 -15.71
C ARG B 128 -2.65 -7.94 -16.99
N ARG B 129 -2.52 -6.79 -17.64
CA ARG B 129 -3.25 -6.52 -18.88
C ARG B 129 -4.76 -6.71 -18.76
N ARG B 130 -5.38 -6.01 -17.80
CA ARG B 130 -6.83 -6.08 -17.60
C ARG B 130 -7.50 -4.82 -18.13
N LEU B 131 -8.40 -4.99 -19.10
CA LEU B 131 -9.07 -3.86 -19.73
C LEU B 131 -10.39 -3.40 -19.14
N GLU B 132 -10.50 -2.09 -18.95
CA GLU B 132 -11.71 -1.48 -18.42
C GLU B 132 -12.63 -1.26 -19.62
N THR B 133 -13.83 -1.83 -19.58
CA THR B 133 -14.74 -1.65 -20.70
C THR B 133 -15.75 -0.52 -20.49
N ALA B 134 -15.87 0.37 -21.47
CA ALA B 134 -16.82 1.47 -21.36
C ALA B 134 -18.17 1.03 -21.90
N ILE B 135 -18.20 -0.08 -22.64
CA ILE B 135 -19.47 -0.57 -23.17
C ILE B 135 -19.98 -1.78 -22.41
N SER B 136 -21.30 -1.99 -22.53
CA SER B 136 -22.02 -3.08 -21.88
C SER B 136 -21.52 -4.48 -22.23
N ALA B 137 -21.49 -5.35 -21.23
CA ALA B 137 -21.05 -6.74 -21.42
C ALA B 137 -22.14 -7.69 -20.93
N GLU B 138 -22.39 -8.75 -21.70
CA GLU B 138 -23.40 -9.74 -21.36
C GLU B 138 -23.00 -11.14 -21.83
#